data_3H1Q
#
_entry.id   3H1Q
#
_cell.length_a   128.912
_cell.length_b   128.912
_cell.length_c   104.922
_cell.angle_alpha   90.00
_cell.angle_beta   90.00
_cell.angle_gamma   90.00
#
_symmetry.space_group_name_H-M   'P 42 21 2'
#
loop_
_entity.id
_entity.type
_entity.pdbx_description
1 polymer 'Ethanolamine utilization protein EutJ'
2 non-polymer "ADENOSINE-5'-TRIPHOSPHATE"
3 water water
#
_entity_poly.entity_id   1
_entity_poly.type   'polypeptide(L)'
_entity_poly.pdbx_seq_one_letter_code
;SNA(MSE)ELEQKLNLLNDLIVREIVNPLPPPYKVGVDLGTADIVLVVTDQEGIPVAGALKWASVVKDGLVVDYIGAIQI
VRELKAKVERLLGSELFQAATAIPPGTVGRNAEACGHVVAGAGLELVTLVDEPVAAARALGINDGIVVDIGGGTTGIAVI
EKGKITATFDEPTGGTHLSLVLAGSYKIPFEEAETIKKDFSRHREI(MSE)RVVRPVIEK(MSE)ALIVKEVIKNYDQTL
PVYVVGGTAYLTGFSEEFSRFLGKEVQVPIHPLLVTPLGIALFG
;
_entity_poly.pdbx_strand_id   A,B
#
loop_
_chem_comp.id
_chem_comp.type
_chem_comp.name
_chem_comp.formula
ATP non-polymer ADENOSINE-5'-TRIPHOSPHATE 'C10 H16 N5 O13 P3'
#
# COMPACT_ATOMS: atom_id res chain seq x y z
N ASN A 2 -14.77 -11.33 -9.72
CA ASN A 2 -14.10 -10.17 -10.41
C ASN A 2 -14.27 -8.84 -9.64
N ALA A 3 -15.50 -8.44 -9.30
CA ALA A 3 -15.69 -7.25 -8.45
C ALA A 3 -14.69 -7.19 -7.28
N MSE A 4 -14.57 -8.26 -6.50
CA MSE A 4 -13.62 -8.25 -5.38
C MSE A 4 -12.17 -8.04 -5.88
O MSE A 4 -11.45 -7.21 -5.32
CB MSE A 4 -13.76 -9.49 -4.51
N GLU A 5 -11.78 -8.77 -6.93
CA GLU A 5 -10.45 -8.66 -7.54
C GLU A 5 -10.17 -7.22 -7.97
N LEU A 6 -10.92 -6.73 -8.95
CA LEU A 6 -10.78 -5.36 -9.38
C LEU A 6 -10.66 -4.38 -8.22
N GLU A 7 -11.56 -4.46 -7.25
CA GLU A 7 -11.51 -3.52 -6.12
C GLU A 7 -10.18 -3.52 -5.33
N GLN A 8 -9.69 -4.72 -5.00
CA GLN A 8 -8.44 -4.91 -4.28
C GLN A 8 -7.23 -4.40 -5.07
N LYS A 9 -7.19 -4.72 -6.37
CA LYS A 9 -6.12 -4.27 -7.25
C LYS A 9 -6.05 -2.74 -7.36
N LEU A 10 -7.21 -2.09 -7.42
CA LEU A 10 -7.33 -0.64 -7.48
C LEU A 10 -6.95 0.01 -6.18
N ASN A 11 -7.28 -0.62 -5.07
CA ASN A 11 -6.88 -0.06 -3.78
C ASN A 11 -5.37 -0.12 -3.66
N LEU A 12 -4.80 -1.23 -4.12
CA LEU A 12 -3.35 -1.42 -4.12
C LEU A 12 -2.69 -0.32 -4.95
N LEU A 13 -3.09 -0.29 -6.22
CA LEU A 13 -2.50 0.61 -7.18
C LEU A 13 -2.63 2.01 -6.68
N ASN A 14 -3.70 2.31 -5.99
CA ASN A 14 -3.80 3.65 -5.46
C ASN A 14 -2.69 4.00 -4.46
N ASP A 15 -2.37 3.03 -3.59
CA ASP A 15 -1.28 3.18 -2.68
C ASP A 15 0.09 3.17 -3.33
N LEU A 16 0.31 2.24 -4.26
CA LEU A 16 1.60 2.17 -4.92
C LEU A 16 1.89 3.57 -5.45
N ILE A 17 0.89 4.17 -6.11
CA ILE A 17 1.02 5.51 -6.61
C ILE A 17 1.22 6.53 -5.51
N VAL A 18 0.21 6.73 -4.68
CA VAL A 18 0.27 7.74 -3.64
C VAL A 18 1.39 7.59 -2.58
N ARG A 19 1.60 6.40 -2.03
CA ARG A 19 2.63 6.27 -0.99
C ARG A 19 3.98 5.94 -1.61
N GLU A 20 4.03 5.99 -2.94
CA GLU A 20 5.25 5.69 -3.71
C GLU A 20 6.00 4.48 -3.16
N ILE A 21 5.42 3.30 -3.26
CA ILE A 21 6.14 2.08 -2.96
C ILE A 21 5.78 1.12 -4.05
N VAL A 22 6.48 -0.02 -4.07
CA VAL A 22 6.23 -1.09 -5.04
C VAL A 22 5.81 -2.43 -4.41
N ASN A 23 5.29 -3.31 -5.27
CA ASN A 23 4.82 -4.62 -4.88
C ASN A 23 5.84 -5.59 -5.43
N PRO A 24 6.72 -6.10 -4.56
CA PRO A 24 7.87 -6.86 -4.99
C PRO A 24 7.56 -8.20 -5.64
N LEU A 25 6.82 -8.16 -6.73
CA LEU A 25 6.59 -9.37 -7.52
C LEU A 25 7.74 -9.58 -8.53
N PRO A 26 8.10 -10.86 -8.79
CA PRO A 26 9.20 -11.14 -9.70
C PRO A 26 8.76 -10.76 -11.10
N PRO A 27 9.70 -10.26 -11.94
CA PRO A 27 9.48 -9.97 -13.37
C PRO A 27 9.06 -11.23 -14.15
N PRO A 28 8.69 -11.12 -15.45
CA PRO A 28 8.57 -9.94 -16.33
C PRO A 28 7.35 -9.09 -16.01
N TYR A 29 7.45 -7.82 -16.34
CA TYR A 29 6.48 -6.85 -15.96
C TYR A 29 5.80 -6.35 -17.19
N LYS A 30 4.61 -5.83 -17.00
CA LYS A 30 3.88 -5.20 -18.07
C LYS A 30 3.72 -3.73 -17.72
N VAL A 31 3.95 -2.86 -18.69
CA VAL A 31 3.89 -1.43 -18.48
C VAL A 31 2.84 -0.80 -19.39
N GLY A 32 2.17 0.21 -18.88
CA GLY A 32 1.14 0.87 -19.62
C GLY A 32 1.24 2.33 -19.33
N VAL A 33 1.13 3.13 -20.37
CA VAL A 33 1.05 4.54 -20.18
C VAL A 33 -0.32 5.00 -20.65
N ASP A 34 -0.96 5.83 -19.82
CA ASP A 34 -2.24 6.42 -20.13
C ASP A 34 -2.07 7.89 -20.34
N LEU A 35 -2.24 8.32 -21.59
CA LEU A 35 -2.17 9.74 -21.89
C LEU A 35 -3.55 10.40 -21.66
N GLY A 36 -3.59 11.65 -21.24
CA GLY A 36 -4.87 12.17 -20.80
C GLY A 36 -4.99 13.66 -20.66
N THR A 37 -6.24 14.08 -20.57
CA THR A 37 -6.64 15.44 -20.45
C THR A 37 -6.21 16.08 -19.15
N ALA A 38 -6.23 15.31 -18.06
CA ALA A 38 -6.01 15.96 -16.79
C ALA A 38 -4.84 15.36 -16.11
N ASP A 39 -4.43 14.17 -16.57
CA ASP A 39 -3.30 13.45 -15.95
C ASP A 39 -2.60 12.42 -16.85
N ILE A 40 -1.36 12.11 -16.51
CA ILE A 40 -0.63 11.04 -17.15
C ILE A 40 -0.32 10.04 -16.07
N VAL A 41 -0.52 8.77 -16.40
CA VAL A 41 -0.36 7.71 -15.45
C VAL A 41 0.52 6.66 -16.12
N LEU A 42 1.47 6.14 -15.35
CA LEU A 42 2.28 5.04 -15.77
C LEU A 42 2.02 3.96 -14.74
N VAL A 43 1.83 2.72 -15.22
CA VAL A 43 1.43 1.59 -14.42
C VAL A 43 2.24 0.32 -14.79
N VAL A 44 2.72 -0.41 -13.78
CA VAL A 44 3.42 -1.66 -13.98
C VAL A 44 2.68 -2.80 -13.27
N THR A 45 2.63 -3.97 -13.90
CA THR A 45 2.00 -5.14 -13.29
C THR A 45 2.83 -6.37 -13.58
N ASP A 46 2.64 -7.43 -12.80
CA ASP A 46 3.12 -8.76 -13.18
C ASP A 46 2.30 -9.33 -14.36
N GLN A 47 2.62 -10.56 -14.79
CA GLN A 47 1.97 -11.11 -16.00
C GLN A 47 0.50 -11.41 -15.81
N GLU A 48 0.05 -11.47 -14.56
CA GLU A 48 -1.35 -11.70 -14.22
C GLU A 48 -2.03 -10.39 -13.85
N GLY A 49 -1.40 -9.27 -14.16
CA GLY A 49 -2.07 -8.00 -14.00
C GLY A 49 -2.17 -7.51 -12.58
N ILE A 50 -1.48 -8.17 -11.66
CA ILE A 50 -1.43 -7.59 -10.34
C ILE A 50 -0.45 -6.41 -10.36
N PRO A 51 -0.90 -5.24 -9.85
CA PRO A 51 -0.11 -4.01 -9.75
C PRO A 51 1.20 -4.19 -9.01
N VAL A 52 2.26 -3.69 -9.63
CA VAL A 52 3.65 -3.72 -9.13
C VAL A 52 4.14 -2.29 -8.79
N ALA A 53 3.76 -1.32 -9.60
CA ALA A 53 4.21 0.07 -9.45
C ALA A 53 3.35 1.02 -10.22
N GLY A 54 3.37 2.30 -9.83
CA GLY A 54 2.72 3.33 -10.61
C GLY A 54 3.02 4.75 -10.20
N ALA A 55 2.88 5.68 -11.14
CA ALA A 55 3.06 7.11 -10.86
C ALA A 55 2.06 7.89 -11.68
N LEU A 56 1.79 9.12 -11.24
CA LEU A 56 0.81 9.98 -11.88
C LEU A 56 1.23 11.46 -11.86
N LYS A 57 1.17 12.12 -13.00
CA LYS A 57 1.32 13.58 -12.99
C LYS A 57 0.05 14.27 -13.52
N TRP A 58 -0.34 15.32 -12.84
CA TRP A 58 -1.44 16.12 -13.31
C TRP A 58 -0.94 16.95 -14.47
N ALA A 59 -1.55 16.76 -15.65
CA ALA A 59 -1.05 17.33 -16.89
C ALA A 59 -2.02 17.32 -18.06
N SER A 60 -2.20 18.52 -18.61
CA SER A 60 -3.01 18.80 -19.79
C SER A 60 -2.21 18.71 -21.08
N VAL A 61 -1.79 17.51 -21.48
CA VAL A 61 -1.06 17.37 -22.74
C VAL A 61 -1.97 16.83 -23.79
N VAL A 62 -3.21 16.60 -23.40
CA VAL A 62 -4.26 16.45 -24.40
C VAL A 62 -5.39 17.45 -24.12
N LYS A 63 -5.57 18.36 -25.09
CA LYS A 63 -6.62 19.37 -25.10
C LYS A 63 -7.35 19.18 -26.41
N ASP A 64 -8.53 18.58 -26.34
CA ASP A 64 -9.32 18.26 -27.54
C ASP A 64 -8.71 17.04 -28.27
N GLY A 65 -7.89 16.26 -27.61
CA GLY A 65 -7.30 15.16 -28.34
C GLY A 65 -6.01 15.45 -29.11
N LEU A 66 -5.74 16.74 -29.36
CA LEU A 66 -4.44 17.14 -29.93
C LEU A 66 -3.39 17.10 -28.81
N VAL A 67 -2.34 16.29 -28.99
CA VAL A 67 -1.26 16.32 -28.04
C VAL A 67 -0.66 17.75 -28.08
N VAL A 68 -1.22 18.66 -27.31
CA VAL A 68 -0.87 20.09 -27.39
C VAL A 68 0.44 20.44 -26.70
N ASP A 69 1.00 19.50 -25.93
CA ASP A 69 2.29 19.73 -25.30
C ASP A 69 3.06 18.45 -25.39
N TYR A 70 3.21 17.96 -26.61
CA TYR A 70 3.96 16.73 -26.91
C TYR A 70 5.36 16.57 -26.23
N ILE A 71 6.13 17.65 -26.16
CA ILE A 71 7.39 17.67 -25.46
C ILE A 71 7.15 17.54 -23.96
N GLY A 72 6.29 18.42 -23.42
CA GLY A 72 5.76 18.30 -22.06
C GLY A 72 5.36 16.87 -21.73
N ALA A 73 4.67 16.19 -22.66
CA ALA A 73 4.35 14.79 -22.51
C ALA A 73 5.59 13.99 -22.13
N ILE A 74 6.59 14.00 -23.02
CA ILE A 74 7.80 13.18 -22.94
C ILE A 74 8.55 13.44 -21.65
N GLN A 75 8.70 14.72 -21.33
CA GLN A 75 9.19 15.10 -20.00
C GLN A 75 8.48 14.35 -18.86
N ILE A 76 7.13 14.39 -18.88
CA ILE A 76 6.28 13.73 -17.85
C ILE A 76 6.49 12.22 -17.90
N VAL A 77 6.24 11.58 -19.03
CA VAL A 77 6.50 10.15 -19.08
C VAL A 77 7.93 9.83 -18.61
N ARG A 78 8.90 10.59 -19.12
CA ARG A 78 10.27 10.37 -18.66
C ARG A 78 10.36 10.47 -17.15
N GLU A 79 9.79 11.51 -16.55
CA GLU A 79 9.99 11.68 -15.10
C GLU A 79 9.29 10.57 -14.27
N LEU A 80 8.16 10.08 -14.81
CA LEU A 80 7.43 8.97 -14.23
C LEU A 80 8.25 7.70 -14.31
N LYS A 81 8.67 7.32 -15.53
CA LYS A 81 9.51 6.16 -15.74
C LYS A 81 10.66 6.12 -14.76
N ALA A 82 11.22 7.28 -14.47
CA ALA A 82 12.38 7.31 -13.59
C ALA A 82 11.97 7.14 -12.16
N LYS A 83 10.83 7.70 -11.79
CA LYS A 83 10.41 7.60 -10.40
C LYS A 83 10.18 6.15 -10.09
N VAL A 84 9.41 5.51 -10.97
CA VAL A 84 9.02 4.14 -10.80
C VAL A 84 10.28 3.31 -10.82
N GLU A 85 11.19 3.63 -11.73
CA GLU A 85 12.44 2.91 -11.78
C GLU A 85 13.31 3.02 -10.52
N ARG A 86 13.36 4.17 -9.85
CA ARG A 86 14.14 4.21 -8.61
C ARG A 86 13.47 3.35 -7.52
N LEU A 87 12.15 3.29 -7.58
CA LEU A 87 11.31 2.81 -6.50
C LEU A 87 11.26 1.33 -6.65
N LEU A 88 11.15 0.89 -7.91
CA LEU A 88 11.22 -0.52 -8.24
C LEU A 88 12.66 -0.95 -8.19
N GLY A 89 12.92 -2.24 -8.18
CA GLY A 89 14.30 -2.65 -8.41
C GLY A 89 14.87 -2.12 -9.73
N SER A 90 14.24 -2.50 -10.85
CA SER A 90 14.90 -2.57 -12.15
C SER A 90 14.60 -1.38 -13.06
N GLU A 91 14.87 -1.55 -14.35
CA GLU A 91 14.37 -0.58 -15.32
C GLU A 91 13.39 -1.18 -16.34
N LEU A 92 12.60 -0.32 -16.95
CA LEU A 92 11.56 -0.71 -17.87
C LEU A 92 11.96 -0.39 -19.29
N PHE A 93 11.59 -1.28 -20.19
CA PHE A 93 11.99 -1.17 -21.56
C PHE A 93 10.84 -0.88 -22.51
N GLN A 94 9.62 -1.24 -22.13
CA GLN A 94 8.50 -1.15 -23.05
C GLN A 94 7.16 -1.00 -22.37
N ALA A 95 6.21 -0.43 -23.11
CA ALA A 95 4.90 -0.05 -22.60
C ALA A 95 3.85 -0.17 -23.68
N ALA A 96 2.60 -0.34 -23.28
CA ALA A 96 1.48 -0.17 -24.20
C ALA A 96 0.88 1.23 -23.99
N THR A 97 0.18 1.78 -24.99
CA THR A 97 -0.49 3.10 -24.80
C THR A 97 -1.93 3.18 -25.29
N ALA A 98 -2.63 4.19 -24.79
CA ALA A 98 -3.94 4.58 -25.25
C ALA A 98 -3.75 5.67 -26.30
N ILE A 99 -4.32 5.51 -27.50
CA ILE A 99 -4.50 6.64 -28.46
C ILE A 99 -5.87 7.30 -28.31
N PRO A 100 -6.11 8.04 -27.19
CA PRO A 100 -7.47 8.55 -26.86
C PRO A 100 -8.30 9.04 -28.04
N PRO A 101 -9.62 8.73 -28.02
CA PRO A 101 -10.55 8.95 -29.14
C PRO A 101 -11.12 10.38 -29.16
N GLY A 102 -11.14 11.00 -30.33
CA GLY A 102 -11.35 12.45 -30.49
C GLY A 102 -9.96 13.06 -30.57
N THR A 103 -9.43 13.25 -31.76
CA THR A 103 -7.96 13.41 -31.92
C THR A 103 -7.49 13.65 -33.36
N ASN A 107 -4.55 12.15 -36.60
CA ASN A 107 -3.08 12.01 -36.63
C ASN A 107 -2.44 11.93 -35.20
N ALA A 108 -3.11 11.24 -34.28
CA ALA A 108 -2.69 11.26 -32.88
C ALA A 108 -1.83 10.10 -32.36
N GLU A 109 -1.10 9.40 -33.24
CA GLU A 109 -0.24 8.30 -32.78
C GLU A 109 1.07 8.80 -32.13
N ALA A 110 1.33 10.12 -32.21
CA ALA A 110 2.33 10.85 -31.37
C ALA A 110 2.29 10.35 -29.93
N CYS A 111 1.21 9.63 -29.66
CA CYS A 111 0.98 8.79 -28.51
C CYS A 111 2.14 7.84 -28.31
N GLY A 112 2.10 6.75 -29.08
CA GLY A 112 3.25 5.87 -29.25
C GLY A 112 4.56 6.63 -29.23
N HIS A 113 4.67 7.66 -30.05
CA HIS A 113 5.87 8.47 -30.06
C HIS A 113 6.24 9.14 -28.75
N VAL A 114 5.28 9.55 -27.91
CA VAL A 114 5.68 9.99 -26.57
C VAL A 114 6.34 8.79 -25.85
N VAL A 115 5.78 7.59 -26.01
CA VAL A 115 6.21 6.41 -25.24
C VAL A 115 7.61 6.01 -25.67
N ALA A 116 7.79 5.90 -26.99
CA ALA A 116 9.08 5.71 -27.66
C ALA A 116 10.04 6.81 -27.26
N GLY A 117 9.60 8.07 -27.38
CA GLY A 117 10.39 9.20 -26.93
C GLY A 117 10.78 9.22 -25.47
N ALA A 118 10.10 8.47 -24.61
CA ALA A 118 10.53 8.41 -23.20
C ALA A 118 11.44 7.20 -22.94
N GLY A 119 11.63 6.40 -23.99
CA GLY A 119 12.59 5.36 -23.97
C GLY A 119 11.96 4.03 -23.75
N LEU A 120 10.73 3.90 -24.24
CA LEU A 120 9.97 2.68 -24.10
C LEU A 120 9.61 2.16 -25.48
N GLU A 121 10.06 0.95 -25.82
CA GLU A 121 9.66 0.35 -27.08
C GLU A 121 8.17 0.09 -26.97
N LEU A 122 7.43 0.67 -27.92
CA LEU A 122 5.97 0.53 -28.01
C LEU A 122 5.62 -0.95 -28.20
N VAL A 123 4.77 -1.44 -27.30
CA VAL A 123 4.30 -2.82 -27.30
C VAL A 123 3.10 -2.93 -28.22
N THR A 124 2.30 -1.87 -28.21
CA THR A 124 1.02 -1.76 -28.92
C THR A 124 0.27 -0.49 -28.52
N LEU A 125 -0.64 -0.05 -29.38
CA LEU A 125 -1.61 0.96 -28.99
C LEU A 125 -2.89 0.26 -28.57
N VAL A 126 -3.61 0.88 -27.63
CA VAL A 126 -4.95 0.42 -27.24
C VAL A 126 -5.97 1.55 -27.38
N ASP A 127 -7.24 1.17 -27.60
CA ASP A 127 -8.39 2.09 -27.47
C ASP A 127 -8.82 2.04 -26.03
N GLU A 128 -9.07 3.21 -25.45
CA GLU A 128 -9.46 3.31 -24.06
C GLU A 128 -10.67 2.40 -23.77
N PRO A 129 -11.71 2.48 -24.62
CA PRO A 129 -12.77 1.48 -24.52
C PRO A 129 -12.26 0.06 -24.32
N VAL A 130 -11.32 -0.38 -25.15
CA VAL A 130 -10.85 -1.77 -25.06
C VAL A 130 -10.21 -2.00 -23.69
N ALA A 131 -9.54 -0.97 -23.19
CA ALA A 131 -8.76 -1.06 -21.96
C ALA A 131 -9.70 -1.11 -20.77
N ALA A 132 -10.31 0.05 -20.51
CA ALA A 132 -11.41 0.21 -19.59
C ALA A 132 -12.12 -1.12 -19.38
N ALA A 133 -12.60 -1.70 -20.49
CA ALA A 133 -13.35 -2.96 -20.48
C ALA A 133 -12.60 -4.07 -19.78
N ARG A 134 -11.39 -4.36 -20.28
CA ARG A 134 -10.57 -5.49 -19.83
C ARG A 134 -10.35 -5.44 -18.35
N ALA A 135 -10.06 -4.24 -17.84
CA ALA A 135 -9.89 -3.98 -16.41
C ALA A 135 -11.12 -4.35 -15.58
N LEU A 136 -12.30 -3.87 -15.95
CA LEU A 136 -13.53 -4.36 -15.35
C LEU A 136 -13.69 -5.86 -15.60
N GLY A 137 -13.10 -6.38 -16.65
CA GLY A 137 -13.27 -7.78 -16.94
C GLY A 137 -14.72 -8.03 -17.32
N ILE A 138 -15.35 -7.03 -17.92
CA ILE A 138 -16.72 -7.13 -18.37
C ILE A 138 -16.69 -7.35 -19.86
N ASN A 139 -17.27 -8.46 -20.34
CA ASN A 139 -17.52 -8.69 -21.80
C ASN A 139 -18.70 -7.92 -22.44
N ASP A 140 -19.88 -8.00 -21.82
CA ASP A 140 -21.05 -7.31 -22.36
C ASP A 140 -21.47 -6.22 -21.38
N GLY A 141 -21.53 -4.98 -21.88
CA GLY A 141 -21.93 -3.87 -21.04
C GLY A 141 -21.69 -2.53 -21.68
N ILE A 142 -21.90 -1.47 -20.93
CA ILE A 142 -21.63 -0.17 -21.45
C ILE A 142 -20.62 0.49 -20.56
N VAL A 143 -19.62 1.13 -21.18
CA VAL A 143 -18.57 1.79 -20.43
C VAL A 143 -18.60 3.28 -20.67
N VAL A 144 -18.53 4.03 -19.60
CA VAL A 144 -18.67 5.45 -19.69
C VAL A 144 -17.43 6.02 -19.00
N ASP A 145 -16.36 6.14 -19.76
CA ASP A 145 -15.14 6.72 -19.24
C ASP A 145 -15.39 8.20 -19.13
N ILE A 146 -15.53 8.73 -17.93
CA ILE A 146 -15.76 10.15 -17.82
C ILE A 146 -14.44 10.77 -17.44
N GLY A 147 -13.60 11.09 -18.44
CA GLY A 147 -12.30 11.73 -18.21
C GLY A 147 -12.40 13.15 -17.68
N GLY A 148 -11.34 13.92 -17.78
CA GLY A 148 -11.35 15.29 -17.26
C GLY A 148 -11.86 16.30 -18.29
N GLY A 149 -11.56 16.02 -19.55
CA GLY A 149 -11.86 16.92 -20.67
C GLY A 149 -12.81 16.39 -21.72
N THR A 150 -12.79 15.07 -21.94
CA THR A 150 -13.93 14.46 -22.61
C THR A 150 -14.42 13.22 -21.87
N THR A 151 -15.72 12.95 -22.01
CA THR A 151 -16.31 11.66 -21.71
C THR A 151 -16.21 10.84 -22.98
N GLY A 152 -16.44 9.54 -22.89
CA GLY A 152 -16.19 8.68 -24.02
C GLY A 152 -16.95 7.40 -23.91
N ILE A 153 -18.19 7.44 -24.37
CA ILE A 153 -19.11 6.30 -24.31
C ILE A 153 -18.62 5.17 -25.21
N ALA A 154 -19.04 3.94 -24.90
CA ALA A 154 -18.63 2.79 -25.67
C ALA A 154 -19.46 1.57 -25.30
N VAL A 155 -19.60 0.65 -26.25
CA VAL A 155 -20.47 -0.50 -26.12
C VAL A 155 -19.75 -1.77 -26.49
N ILE A 156 -19.59 -2.65 -25.51
CA ILE A 156 -19.00 -3.95 -25.77
C ILE A 156 -20.04 -5.03 -25.57
N GLU A 157 -19.97 -6.07 -26.40
CA GLU A 157 -20.87 -7.21 -26.33
C GLU A 157 -20.14 -8.41 -26.90
N LYS A 158 -20.52 -9.62 -26.46
CA LYS A 158 -19.86 -10.86 -26.88
C LYS A 158 -18.37 -10.89 -26.53
N GLY A 159 -17.76 -9.71 -26.66
CA GLY A 159 -16.36 -9.50 -26.31
C GLY A 159 -15.73 -8.63 -27.37
N LYS A 160 -16.44 -7.58 -27.78
CA LYS A 160 -16.02 -6.69 -28.89
C LYS A 160 -16.60 -5.29 -28.76
N ILE A 161 -15.79 -4.28 -29.06
CA ILE A 161 -16.25 -2.89 -29.03
C ILE A 161 -17.23 -2.65 -30.17
N THR A 162 -18.45 -3.17 -30.01
CA THR A 162 -19.45 -3.18 -31.11
C THR A 162 -20.02 -1.80 -31.47
N ALA A 163 -19.67 -0.77 -30.70
CA ALA A 163 -20.09 0.61 -30.99
C ALA A 163 -19.39 1.56 -30.03
N THR A 164 -19.07 2.77 -30.50
CA THR A 164 -18.25 3.74 -29.75
C THR A 164 -18.62 5.17 -30.05
N PHE A 165 -18.38 6.05 -29.08
CA PHE A 165 -18.76 7.46 -29.15
C PHE A 165 -17.83 8.26 -28.25
N ASP A 166 -18.09 9.56 -28.09
CA ASP A 166 -17.33 10.42 -27.19
C ASP A 166 -17.84 11.81 -27.35
N GLU A 167 -17.86 12.58 -26.28
CA GLU A 167 -18.44 13.91 -26.34
C GLU A 167 -17.81 14.82 -25.31
N PRO A 168 -17.31 15.96 -25.78
CA PRO A 168 -16.54 17.01 -25.10
C PRO A 168 -17.06 17.45 -23.76
N THR A 169 -17.33 16.51 -22.86
CA THR A 169 -17.61 16.90 -21.48
C THR A 169 -16.84 16.09 -20.42
N GLY A 170 -16.62 16.70 -19.26
CA GLY A 170 -15.88 16.04 -18.19
C GLY A 170 -15.59 16.89 -16.97
N GLY A 171 -14.73 16.33 -16.11
CA GLY A 171 -14.41 16.89 -14.82
C GLY A 171 -14.21 18.38 -14.81
N THR A 172 -13.74 18.90 -15.93
CA THR A 172 -13.29 20.27 -15.94
C THR A 172 -14.48 21.23 -15.90
N HIS A 173 -15.51 20.88 -16.68
CA HIS A 173 -16.70 21.67 -16.71
C HIS A 173 -17.23 21.73 -15.31
N LEU A 174 -17.37 20.57 -14.67
CA LEU A 174 -17.67 20.53 -13.24
C LEU A 174 -16.85 21.56 -12.48
N SER A 175 -15.52 21.46 -12.55
CA SER A 175 -14.65 22.37 -11.77
C SER A 175 -14.87 23.82 -12.18
N LEU A 176 -15.07 24.02 -13.48
CA LEU A 176 -15.43 25.30 -14.05
C LEU A 176 -16.81 25.75 -13.58
N VAL A 177 -17.82 24.88 -13.74
CA VAL A 177 -19.19 25.18 -13.31
C VAL A 177 -19.16 25.53 -11.83
N LEU A 178 -18.25 24.92 -11.08
CA LEU A 178 -18.04 25.29 -9.69
C LEU A 178 -17.30 26.61 -9.56
N ALA A 179 -16.22 26.78 -10.34
CA ALA A 179 -15.42 28.00 -10.35
C ALA A 179 -16.33 29.19 -10.57
N GLY A 180 -17.16 29.10 -11.62
CA GLY A 180 -18.17 30.08 -11.97
C GLY A 180 -19.17 30.31 -10.85
N SER A 181 -19.84 29.24 -10.41
CA SER A 181 -20.79 29.29 -9.29
C SER A 181 -20.22 29.90 -7.99
N TYR A 182 -19.07 29.40 -7.56
CA TYR A 182 -18.43 29.88 -6.32
C TYR A 182 -17.69 31.20 -6.53
N LYS A 183 -17.44 31.54 -7.78
CA LYS A 183 -16.65 32.72 -8.16
C LYS A 183 -15.22 32.60 -7.62
N ILE A 184 -14.53 31.58 -8.12
CA ILE A 184 -13.24 31.19 -7.57
C ILE A 184 -12.26 30.87 -8.72
N PRO A 185 -10.95 31.31 -8.61
CA PRO A 185 -9.91 30.94 -9.58
C PRO A 185 -9.94 29.45 -9.86
N PHE A 186 -9.71 29.05 -11.11
CA PHE A 186 -9.90 27.64 -11.48
C PHE A 186 -9.07 26.66 -10.62
N GLU A 187 -7.81 27.01 -10.31
CA GLU A 187 -6.99 26.17 -9.47
C GLU A 187 -7.69 26.10 -8.12
N GLU A 188 -7.98 27.25 -7.52
CA GLU A 188 -8.70 27.30 -6.25
C GLU A 188 -9.86 26.28 -6.23
N ALA A 189 -10.69 26.30 -7.26
CA ALA A 189 -11.82 25.40 -7.34
C ALA A 189 -11.43 23.94 -7.48
N GLU A 190 -10.41 23.65 -8.28
CA GLU A 190 -9.95 22.26 -8.47
C GLU A 190 -9.46 21.65 -7.16
N THR A 191 -8.66 22.42 -6.41
CA THR A 191 -8.24 22.03 -5.07
C THR A 191 -9.48 21.66 -4.23
N ILE A 192 -10.52 22.51 -4.21
CA ILE A 192 -11.81 22.17 -3.54
C ILE A 192 -12.43 20.88 -4.09
N LYS A 193 -12.87 20.90 -5.33
CA LYS A 193 -13.49 19.72 -5.91
C LYS A 193 -12.82 18.44 -5.47
N LYS A 194 -11.50 18.47 -5.30
CA LYS A 194 -10.77 17.23 -5.10
C LYS A 194 -10.72 16.75 -3.65
N ASP A 195 -10.59 17.72 -2.72
CA ASP A 195 -10.80 17.54 -1.29
C ASP A 195 -12.10 16.76 -1.06
N PHE A 196 -12.02 15.64 -0.34
CA PHE A 196 -13.20 14.83 -0.10
C PHE A 196 -14.17 15.41 0.93
N SER A 197 -13.65 16.20 1.87
CA SER A 197 -14.47 16.93 2.85
C SER A 197 -15.61 17.73 2.20
N ARG A 198 -15.29 18.40 1.09
CA ARG A 198 -16.22 19.32 0.47
C ARG A 198 -17.26 18.70 -0.49
N HIS A 199 -17.13 17.43 -0.88
CA HIS A 199 -18.10 16.86 -1.84
C HIS A 199 -19.53 17.08 -1.38
N ARG A 200 -19.77 16.90 -0.09
CA ARG A 200 -21.09 17.08 0.48
C ARG A 200 -21.64 18.45 0.07
N GLU A 201 -20.85 19.50 0.31
CA GLU A 201 -21.28 20.87 0.06
C GLU A 201 -21.00 21.42 -1.33
N ILE A 202 -20.19 20.73 -2.15
CA ILE A 202 -19.88 21.16 -3.52
C ILE A 202 -20.89 20.50 -4.45
N MSE A 203 -21.75 19.67 -3.89
CA MSE A 203 -22.62 18.79 -4.69
C MSE A 203 -23.75 19.50 -5.48
O MSE A 203 -23.70 19.57 -6.70
CB MSE A 203 -23.16 17.67 -3.81
CG MSE A 203 -23.98 16.63 -4.56
SE MSE A 203 -23.21 16.09 -6.26
CE MSE A 203 -22.28 14.40 -5.84
N ARG A 204 -24.76 19.97 -4.78
CA ARG A 204 -25.85 20.74 -5.40
C ARG A 204 -25.39 21.64 -6.58
N VAL A 205 -24.28 22.37 -6.39
CA VAL A 205 -23.82 23.39 -7.34
C VAL A 205 -23.30 22.80 -8.66
N VAL A 206 -22.78 21.59 -8.56
CA VAL A 206 -22.11 20.89 -9.64
C VAL A 206 -23.03 19.78 -10.24
N ARG A 207 -24.22 19.63 -9.64
CA ARG A 207 -25.22 18.61 -10.05
C ARG A 207 -25.68 18.79 -11.50
N PRO A 208 -26.01 20.04 -11.90
CA PRO A 208 -26.50 20.36 -13.25
C PRO A 208 -25.68 19.73 -14.38
N VAL A 209 -24.35 19.79 -14.26
CA VAL A 209 -23.44 19.18 -15.23
C VAL A 209 -23.66 17.65 -15.33
N ILE A 210 -23.82 17.00 -14.16
CA ILE A 210 -24.09 15.55 -14.08
C ILE A 210 -25.41 15.18 -14.77
N GLU A 211 -26.44 15.99 -14.56
CA GLU A 211 -27.72 15.79 -15.23
C GLU A 211 -27.47 15.67 -16.73
N LYS A 212 -26.89 16.75 -17.27
CA LYS A 212 -26.47 16.88 -18.67
C LYS A 212 -25.72 15.65 -19.16
N MSE A 213 -24.66 15.32 -18.41
CA MSE A 213 -23.85 14.16 -18.70
C MSE A 213 -24.69 12.91 -18.93
O MSE A 213 -24.66 12.32 -20.03
CB MSE A 213 -22.86 13.95 -17.57
CG MSE A 213 -21.79 15.05 -17.53
SE MSE A 213 -20.29 14.71 -16.32
CE MSE A 213 -19.29 16.35 -16.61
N ALA A 214 -25.47 12.56 -17.90
CA ALA A 214 -26.35 11.37 -17.88
C ALA A 214 -27.33 11.28 -19.04
N LEU A 215 -27.98 12.40 -19.33
CA LEU A 215 -28.95 12.48 -20.43
C LEU A 215 -28.28 12.31 -21.80
N ILE A 216 -27.03 12.75 -21.91
CA ILE A 216 -26.27 12.54 -23.13
C ILE A 216 -26.02 11.05 -23.35
N VAL A 217 -25.79 10.32 -22.27
CA VAL A 217 -25.53 8.89 -22.35
C VAL A 217 -26.83 8.20 -22.64
N LYS A 218 -27.85 8.56 -21.85
CA LYS A 218 -29.23 8.08 -22.02
C LYS A 218 -29.55 8.00 -23.48
N GLU A 219 -29.30 9.12 -24.16
CA GLU A 219 -29.48 9.26 -25.60
C GLU A 219 -28.76 8.18 -26.39
N VAL A 220 -27.46 8.07 -26.19
CA VAL A 220 -26.66 7.14 -26.97
C VAL A 220 -27.07 5.68 -26.69
N ILE A 221 -27.63 5.44 -25.52
CA ILE A 221 -28.14 4.12 -25.11
C ILE A 221 -29.59 3.97 -25.54
N LYS A 222 -30.18 5.06 -26.06
CA LYS A 222 -31.54 5.09 -26.64
C LYS A 222 -31.60 4.36 -27.98
N ASN A 223 -30.49 3.72 -28.36
CA ASN A 223 -30.44 2.90 -29.57
C ASN A 223 -29.88 1.49 -29.30
N TYR A 224 -29.36 1.30 -28.07
CA TYR A 224 -28.73 0.03 -27.69
C TYR A 224 -29.38 -0.69 -26.53
N ASP A 225 -29.26 -2.02 -26.62
CA ASP A 225 -29.79 -2.97 -25.67
C ASP A 225 -29.80 -2.48 -24.21
N GLN A 226 -30.97 -2.58 -23.57
CA GLN A 226 -31.13 -2.14 -22.19
C GLN A 226 -30.74 -3.19 -21.14
N THR A 227 -30.64 -4.46 -21.57
CA THR A 227 -30.07 -5.51 -20.74
C THR A 227 -28.68 -5.07 -20.27
N LEU A 228 -27.98 -4.33 -21.14
CA LEU A 228 -26.60 -3.93 -20.90
C LEU A 228 -26.34 -3.24 -19.56
N PRO A 229 -25.47 -3.86 -18.73
CA PRO A 229 -24.96 -3.25 -17.51
C PRO A 229 -24.15 -2.02 -17.87
N VAL A 230 -23.97 -1.14 -16.89
CA VAL A 230 -23.45 0.18 -17.15
C VAL A 230 -22.40 0.55 -16.12
N TYR A 231 -21.22 0.90 -16.61
CA TYR A 231 -20.07 1.04 -15.76
C TYR A 231 -19.54 2.42 -15.93
N VAL A 232 -19.50 3.18 -14.88
CA VAL A 232 -19.01 4.51 -15.00
C VAL A 232 -17.63 4.57 -14.36
N VAL A 233 -16.60 4.76 -15.18
CA VAL A 233 -15.23 4.82 -14.69
C VAL A 233 -14.68 6.20 -15.01
N GLY A 234 -13.43 6.47 -14.61
CA GLY A 234 -12.76 7.75 -14.89
C GLY A 234 -12.76 8.63 -13.67
N GLY A 235 -11.76 9.49 -13.55
CA GLY A 235 -11.59 10.30 -12.35
C GLY A 235 -12.72 11.24 -11.96
N THR A 236 -13.62 11.55 -12.90
CA THR A 236 -14.73 12.44 -12.59
C THR A 236 -15.68 11.78 -11.60
N ALA A 237 -15.80 10.46 -11.69
CA ALA A 237 -16.63 9.64 -10.81
C ALA A 237 -16.05 9.48 -9.39
N TYR A 238 -15.06 10.30 -9.03
CA TYR A 238 -14.51 10.30 -7.68
C TYR A 238 -15.39 11.13 -6.74
N LEU A 239 -16.47 11.67 -7.27
CA LEU A 239 -17.36 12.49 -6.45
C LEU A 239 -18.23 11.52 -5.67
N THR A 240 -18.18 11.59 -4.35
CA THR A 240 -19.03 10.70 -3.56
C THR A 240 -20.49 10.99 -3.86
N GLY A 241 -21.23 9.91 -4.11
CA GLY A 241 -22.62 9.99 -4.46
C GLY A 241 -22.81 10.25 -5.94
N PHE A 242 -21.72 10.61 -6.63
CA PHE A 242 -21.76 10.69 -8.08
C PHE A 242 -22.52 9.49 -8.62
N SER A 243 -22.18 8.30 -8.14
CA SER A 243 -22.89 7.10 -8.53
C SER A 243 -24.41 7.26 -8.41
N GLU A 244 -24.87 7.77 -7.27
CA GLU A 244 -26.29 7.93 -7.01
C GLU A 244 -26.86 9.00 -7.94
N GLU A 245 -26.38 10.24 -7.79
CA GLU A 245 -26.85 11.37 -8.61
C GLU A 245 -26.95 10.98 -10.11
N PHE A 246 -25.88 10.42 -10.66
CA PHE A 246 -25.88 9.91 -12.03
C PHE A 246 -26.86 8.73 -12.19
N SER A 247 -26.84 7.77 -11.28
CA SER A 247 -27.71 6.61 -11.45
C SER A 247 -29.17 7.04 -11.65
N ARG A 248 -29.56 8.19 -11.06
CA ARG A 248 -30.91 8.74 -11.24
C ARG A 248 -31.12 9.26 -12.66
N PHE A 249 -30.50 10.40 -12.98
CA PHE A 249 -30.78 11.13 -14.23
C PHE A 249 -30.70 10.26 -15.46
N LEU A 250 -29.89 9.21 -15.39
CA LEU A 250 -29.76 8.30 -16.51
C LEU A 250 -31.01 7.42 -16.65
N GLY A 251 -31.50 6.93 -15.51
CA GLY A 251 -32.63 6.04 -15.52
C GLY A 251 -32.30 4.73 -14.87
N LYS A 252 -31.15 4.13 -15.20
CA LYS A 252 -30.73 2.95 -14.45
C LYS A 252 -29.50 3.20 -13.58
N GLU A 253 -29.39 2.39 -12.52
CA GLU A 253 -28.29 2.48 -11.56
C GLU A 253 -26.99 2.16 -12.27
N VAL A 254 -25.91 2.79 -11.84
CA VAL A 254 -24.62 2.57 -12.51
C VAL A 254 -23.63 1.92 -11.56
N GLN A 255 -22.67 1.19 -12.11
CA GLN A 255 -21.53 0.70 -11.32
C GLN A 255 -20.31 1.60 -11.47
N VAL A 256 -19.87 2.23 -10.38
CA VAL A 256 -18.61 3.00 -10.32
C VAL A 256 -17.63 2.26 -9.40
N PRO A 257 -16.40 1.95 -9.89
CA PRO A 257 -15.54 1.15 -9.01
C PRO A 257 -14.78 1.96 -8.00
N ILE A 258 -14.19 1.30 -7.00
CA ILE A 258 -13.50 2.00 -5.90
C ILE A 258 -12.59 3.17 -6.40
N HIS A 259 -11.68 2.95 -7.33
CA HIS A 259 -10.80 4.08 -7.68
C HIS A 259 -10.99 4.45 -9.14
N PRO A 260 -12.08 5.16 -9.44
CA PRO A 260 -12.51 5.25 -10.83
C PRO A 260 -11.37 5.64 -11.80
N LEU A 261 -10.65 6.73 -11.48
CA LEU A 261 -9.51 7.24 -12.25
C LEU A 261 -8.50 6.21 -12.73
N LEU A 262 -8.40 5.10 -12.02
CA LEU A 262 -7.37 4.11 -12.28
C LEU A 262 -7.78 2.99 -13.21
N VAL A 263 -9.05 2.96 -13.58
CA VAL A 263 -9.48 1.73 -14.26
C VAL A 263 -8.82 1.57 -15.61
N THR A 264 -8.83 2.62 -16.44
CA THR A 264 -8.27 2.53 -17.78
C THR A 264 -6.78 2.32 -17.70
N PRO A 265 -6.07 3.20 -16.95
CA PRO A 265 -4.64 2.99 -16.80
C PRO A 265 -4.26 1.52 -16.49
N LEU A 266 -4.92 0.91 -15.51
CA LEU A 266 -4.63 -0.47 -15.18
C LEU A 266 -4.93 -1.34 -16.37
N GLY A 267 -5.95 -0.98 -17.13
CA GLY A 267 -6.34 -1.77 -18.30
C GLY A 267 -5.28 -1.76 -19.41
N ILE A 268 -4.73 -0.58 -19.70
CA ILE A 268 -3.67 -0.45 -20.68
C ILE A 268 -2.49 -1.35 -20.28
N ALA A 269 -2.00 -1.15 -19.07
CA ALA A 269 -0.90 -1.99 -18.58
C ALA A 269 -1.16 -3.48 -18.86
N LEU A 270 -2.43 -3.87 -18.95
CA LEU A 270 -2.71 -5.28 -19.18
C LEU A 270 -2.29 -5.75 -20.55
N PHE A 271 -2.00 -4.79 -21.43
CA PHE A 271 -1.63 -5.11 -22.81
C PHE A 271 -0.14 -5.31 -22.99
N GLY A 272 0.65 -4.37 -22.49
CA GLY A 272 2.11 -4.52 -22.44
C GLY A 272 2.57 -5.86 -21.91
N SER B 1 22.36 -7.74 0.45
CA SER B 1 22.14 -8.50 -0.81
C SER B 1 20.62 -8.45 -1.15
N ASN B 2 19.85 -9.08 -0.24
CA ASN B 2 18.41 -9.14 -0.30
C ASN B 2 17.83 -8.12 0.69
N ALA B 3 18.61 -7.09 1.02
CA ALA B 3 18.08 -5.94 1.73
C ALA B 3 17.00 -5.24 0.92
N MSE B 4 17.25 -4.98 -0.37
CA MSE B 4 16.20 -4.42 -1.22
C MSE B 4 14.94 -5.28 -1.14
O MSE B 4 13.86 -4.75 -0.96
CB MSE B 4 16.66 -4.21 -2.69
CG MSE B 4 17.39 -2.85 -3.02
SE MSE B 4 16.49 -1.31 -4.14
CE MSE B 4 17.93 -0.85 -5.49
N GLU B 5 15.09 -6.61 -1.22
CA GLU B 5 13.92 -7.51 -1.16
C GLU B 5 13.14 -7.30 0.10
N LEU B 6 13.83 -7.38 1.23
CA LEU B 6 13.16 -7.29 2.50
C LEU B 6 12.57 -5.88 2.71
N GLU B 7 13.27 -4.88 2.25
CA GLU B 7 12.78 -3.53 2.36
C GLU B 7 11.47 -3.32 1.60
N GLN B 8 11.38 -3.73 0.34
CA GLN B 8 10.12 -3.62 -0.39
C GLN B 8 9.02 -4.39 0.32
N LYS B 9 9.36 -5.57 0.82
CA LYS B 9 8.46 -6.37 1.64
C LYS B 9 7.89 -5.65 2.85
N LEU B 10 8.76 -5.12 3.70
CA LEU B 10 8.36 -4.40 4.91
C LEU B 10 7.54 -3.16 4.63
N ASN B 11 7.96 -2.41 3.63
CA ASN B 11 7.22 -1.25 3.20
C ASN B 11 5.86 -1.61 2.72
N LEU B 12 5.76 -2.70 1.95
CA LEU B 12 4.50 -3.11 1.44
C LEU B 12 3.64 -3.48 2.64
N LEU B 13 4.19 -4.28 3.56
CA LEU B 13 3.39 -4.75 4.67
C LEU B 13 2.93 -3.59 5.53
N ASN B 14 3.76 -2.55 5.70
CA ASN B 14 3.40 -1.41 6.54
C ASN B 14 2.18 -0.73 5.98
N ASP B 15 2.13 -0.64 4.66
CA ASP B 15 1.03 0.00 3.96
C ASP B 15 -0.26 -0.80 4.07
N LEU B 16 -0.18 -2.11 3.87
CA LEU B 16 -1.30 -3.02 4.08
C LEU B 16 -1.89 -2.81 5.49
N ILE B 17 -1.03 -2.86 6.51
CA ILE B 17 -1.45 -2.63 7.87
C ILE B 17 -2.04 -1.27 7.95
N VAL B 18 -1.27 -0.24 7.71
CA VAL B 18 -1.75 1.09 8.02
C VAL B 18 -2.96 1.55 7.21
N ARG B 19 -3.01 1.24 5.93
CA ARG B 19 -4.11 1.73 5.09
C ARG B 19 -5.20 0.69 4.97
N GLU B 20 -5.07 -0.41 5.68
CA GLU B 20 -6.15 -1.42 5.66
C GLU B 20 -6.50 -1.83 4.24
N ILE B 21 -5.47 -2.26 3.49
CA ILE B 21 -5.68 -2.85 2.18
C ILE B 21 -4.96 -4.18 2.10
N VAL B 22 -5.23 -4.90 1.02
CA VAL B 22 -4.66 -6.23 0.80
C VAL B 22 -3.85 -6.25 -0.51
N ASN B 23 -2.98 -7.25 -0.64
CA ASN B 23 -2.19 -7.46 -1.85
C ASN B 23 -2.69 -8.75 -2.46
N PRO B 24 -3.67 -8.66 -3.37
CA PRO B 24 -4.49 -9.79 -3.84
C PRO B 24 -3.73 -10.89 -4.55
N LEU B 25 -2.76 -11.49 -3.87
CA LEU B 25 -2.02 -12.62 -4.42
C LEU B 25 -2.82 -13.90 -4.16
N PRO B 26 -2.70 -14.92 -5.05
CA PRO B 26 -3.55 -16.12 -4.89
C PRO B 26 -3.18 -16.91 -3.63
N PRO B 27 -4.15 -17.62 -3.02
CA PRO B 27 -3.77 -18.54 -1.93
C PRO B 27 -2.90 -19.66 -2.50
N PRO B 28 -2.32 -20.56 -1.64
CA PRO B 28 -2.44 -20.66 -0.18
C PRO B 28 -1.62 -19.60 0.58
N TYR B 29 -2.15 -19.17 1.71
CA TYR B 29 -1.51 -18.14 2.50
C TYR B 29 -0.77 -18.68 3.70
N LYS B 30 0.06 -17.82 4.30
CA LYS B 30 0.79 -18.10 5.53
C LYS B 30 0.45 -17.00 6.50
N VAL B 31 0.25 -17.38 7.76
CA VAL B 31 -0.22 -16.43 8.73
C VAL B 31 0.62 -16.58 9.94
N GLY B 32 0.87 -15.44 10.55
CA GLY B 32 1.67 -15.34 11.73
C GLY B 32 0.96 -14.32 12.57
N VAL B 33 0.86 -14.66 13.84
CA VAL B 33 0.39 -13.76 14.85
C VAL B 33 1.51 -13.55 15.83
N ASP B 34 1.78 -12.30 16.16
CA ASP B 34 2.84 -11.97 17.10
C ASP B 34 2.30 -11.29 18.34
N LEU B 35 2.48 -11.93 19.50
CA LEU B 35 2.02 -11.41 20.77
C LEU B 35 3.15 -10.72 21.48
N GLY B 36 3.01 -9.43 21.74
CA GLY B 36 4.14 -8.69 22.28
C GLY B 36 3.85 -7.86 23.51
N THR B 37 4.91 -7.29 24.08
CA THR B 37 4.79 -6.31 25.15
C THR B 37 4.14 -4.99 24.80
N ALA B 38 3.78 -4.76 23.54
CA ALA B 38 3.33 -3.42 23.11
C ALA B 38 2.24 -3.41 22.06
N ASP B 39 2.19 -4.45 21.23
CA ASP B 39 1.21 -4.53 20.19
C ASP B 39 1.07 -5.98 19.84
N ILE B 40 0.08 -6.32 19.03
CA ILE B 40 -0.09 -7.65 18.48
C ILE B 40 -0.22 -7.48 16.98
N VAL B 41 0.49 -8.28 16.21
CA VAL B 41 0.42 -8.11 14.78
C VAL B 41 -0.04 -9.39 14.18
N LEU B 42 -1.01 -9.30 13.30
CA LEU B 42 -1.36 -10.43 12.46
C LEU B 42 -0.74 -10.12 11.09
N VAL B 43 -0.24 -11.15 10.43
CA VAL B 43 0.50 -10.99 9.19
C VAL B 43 0.24 -12.15 8.22
N VAL B 44 -0.41 -11.83 7.11
CA VAL B 44 -0.68 -12.81 6.07
C VAL B 44 0.27 -12.54 4.92
N THR B 45 0.97 -13.59 4.46
CA THR B 45 1.80 -13.55 3.25
C THR B 45 1.38 -14.69 2.34
N ASP B 46 1.92 -14.68 1.13
CA ASP B 46 1.79 -15.80 0.18
C ASP B 46 2.81 -16.92 0.52
N GLN B 47 3.07 -17.85 -0.40
CA GLN B 47 4.03 -18.95 -0.17
C GLN B 47 5.49 -18.50 -0.06
N GLU B 48 5.89 -17.52 -0.88
CA GLU B 48 7.28 -17.05 -0.91
C GLU B 48 7.44 -15.86 0.01
N GLY B 49 6.49 -15.64 0.89
CA GLY B 49 6.66 -14.65 1.92
C GLY B 49 6.36 -13.22 1.54
N ILE B 50 5.78 -13.03 0.36
CA ILE B 50 5.35 -11.72 -0.05
C ILE B 50 4.10 -11.38 0.74
N PRO B 51 4.10 -10.24 1.44
CA PRO B 51 2.98 -9.80 2.29
C PRO B 51 1.64 -9.69 1.58
N VAL B 52 0.61 -10.32 2.12
CA VAL B 52 -0.73 -10.33 1.53
C VAL B 52 -1.67 -9.42 2.29
N ALA B 53 -1.66 -9.53 3.62
CA ALA B 53 -2.43 -8.60 4.43
C ALA B 53 -1.81 -8.45 5.80
N GLY B 54 -2.28 -7.48 6.57
CA GLY B 54 -1.75 -7.26 7.92
C GLY B 54 -2.65 -6.39 8.77
N ALA B 55 -2.67 -6.65 10.09
CA ALA B 55 -3.35 -5.76 11.03
C ALA B 55 -2.55 -5.68 12.33
N LEU B 56 -2.80 -4.65 13.13
CA LEU B 56 -2.01 -4.36 14.34
C LEU B 56 -2.80 -3.69 15.47
N LYS B 57 -2.80 -4.23 16.67
CA LYS B 57 -3.47 -3.54 17.77
C LYS B 57 -2.43 -3.11 18.78
N TRP B 58 -2.53 -1.88 19.28
CA TRP B 58 -1.63 -1.46 20.36
C TRP B 58 -2.19 -1.96 21.68
N ALA B 59 -1.33 -2.57 22.49
CA ALA B 59 -1.79 -3.31 23.66
C ALA B 59 -0.67 -4.09 24.32
N SER B 60 -0.66 -4.12 25.64
CA SER B 60 0.32 -4.94 26.35
C SER B 60 -0.26 -6.30 26.70
N VAL B 61 -0.10 -7.29 25.83
CA VAL B 61 -0.62 -8.61 26.16
C VAL B 61 0.39 -9.48 26.87
N VAL B 62 1.67 -9.26 26.63
CA VAL B 62 2.64 -10.11 27.27
C VAL B 62 3.41 -9.30 28.27
N LYS B 63 3.43 -9.78 29.51
CA LYS B 63 4.27 -9.20 30.53
C LYS B 63 5.04 -10.36 31.19
N ASP B 64 6.36 -10.28 31.11
CA ASP B 64 7.27 -11.37 31.41
C ASP B 64 6.75 -12.69 30.89
N GLY B 65 6.60 -12.81 29.58
CA GLY B 65 6.32 -14.08 28.94
C GLY B 65 4.96 -14.69 29.24
N LEU B 66 4.20 -14.02 30.10
CA LEU B 66 2.87 -14.47 30.40
C LEU B 66 1.91 -13.55 29.65
N VAL B 67 1.00 -14.16 28.89
CA VAL B 67 -0.10 -13.41 28.28
C VAL B 67 -1.08 -13.02 29.40
N VAL B 68 -0.74 -11.98 30.16
CA VAL B 68 -1.55 -11.56 31.28
C VAL B 68 -3.07 -11.61 31.00
N ASP B 69 -3.58 -10.71 30.16
CA ASP B 69 -4.97 -10.76 29.78
C ASP B 69 -5.30 -11.84 28.72
N TYR B 70 -5.22 -13.12 29.10
CA TYR B 70 -5.53 -14.20 28.16
C TYR B 70 -6.80 -14.00 27.30
N ILE B 71 -7.88 -13.57 27.96
CA ILE B 71 -9.16 -13.39 27.25
C ILE B 71 -9.13 -12.19 26.30
N GLY B 72 -8.56 -11.09 26.76
CA GLY B 72 -8.37 -9.93 25.90
C GLY B 72 -7.57 -10.32 24.68
N ALA B 73 -6.45 -10.97 24.91
CA ALA B 73 -5.64 -11.52 23.85
C ALA B 73 -6.51 -12.23 22.81
N ILE B 74 -7.33 -13.18 23.23
CA ILE B 74 -8.18 -13.90 22.25
C ILE B 74 -9.12 -12.92 21.50
N GLN B 75 -9.58 -11.87 22.19
CA GLN B 75 -10.45 -10.86 21.58
C GLN B 75 -9.69 -10.18 20.49
N ILE B 76 -8.55 -9.60 20.85
CA ILE B 76 -7.79 -8.77 19.95
C ILE B 76 -7.47 -9.52 18.67
N VAL B 77 -6.93 -10.71 18.79
CA VAL B 77 -6.63 -11.54 17.64
C VAL B 77 -7.92 -11.81 16.86
N ARG B 78 -9.02 -12.04 17.58
CA ARG B 78 -10.28 -12.36 16.92
C ARG B 78 -10.71 -11.21 16.01
N GLU B 79 -10.41 -9.98 16.44
CA GLU B 79 -10.66 -8.76 15.65
C GLU B 79 -9.75 -8.65 14.42
N LEU B 80 -8.43 -8.61 14.67
CA LEU B 80 -7.46 -8.63 13.60
C LEU B 80 -7.91 -9.69 12.58
N LYS B 81 -8.19 -10.89 13.05
CA LYS B 81 -8.60 -11.90 12.13
C LYS B 81 -9.77 -11.43 11.29
N ALA B 82 -10.74 -10.76 11.91
CA ALA B 82 -12.01 -10.48 11.23
C ALA B 82 -11.80 -9.42 10.18
N LYS B 83 -11.18 -8.33 10.63
CA LYS B 83 -10.70 -7.24 9.80
C LYS B 83 -10.00 -7.79 8.57
N VAL B 84 -8.94 -8.55 8.80
CA VAL B 84 -8.19 -9.09 7.68
C VAL B 84 -9.08 -9.85 6.71
N GLU B 85 -9.92 -10.71 7.24
CA GLU B 85 -10.77 -11.55 6.39
C GLU B 85 -11.77 -10.71 5.63
N ARG B 86 -12.28 -9.70 6.32
CA ARG B 86 -13.18 -8.71 5.75
C ARG B 86 -12.48 -8.00 4.59
N LEU B 87 -11.22 -7.57 4.76
CA LEU B 87 -10.43 -6.89 3.71
C LEU B 87 -10.02 -7.88 2.66
N LEU B 88 -9.48 -9.01 3.09
CA LEU B 88 -9.06 -10.05 2.16
C LEU B 88 -10.29 -10.63 1.53
N GLY B 89 -10.17 -11.47 0.52
CA GLY B 89 -11.41 -12.18 0.10
C GLY B 89 -11.96 -13.23 1.08
N SER B 90 -11.07 -14.10 1.54
CA SER B 90 -11.44 -15.36 2.13
C SER B 90 -11.23 -15.34 3.65
N GLU B 91 -11.25 -16.52 4.27
CA GLU B 91 -11.20 -16.70 5.72
C GLU B 91 -9.86 -17.27 6.17
N LEU B 92 -9.49 -17.05 7.42
CA LEU B 92 -8.23 -17.56 7.92
C LEU B 92 -8.43 -18.86 8.74
N PHE B 93 -7.73 -19.93 8.32
CA PHE B 93 -7.79 -21.27 8.98
C PHE B 93 -6.69 -21.49 10.06
N GLN B 94 -5.41 -21.21 9.73
CA GLN B 94 -4.22 -21.52 10.59
C GLN B 94 -3.29 -20.35 10.86
N ALA B 95 -2.34 -20.50 11.78
CA ALA B 95 -1.31 -19.50 11.99
C ALA B 95 -0.17 -20.14 12.77
N ALA B 96 1.05 -19.64 12.54
CA ALA B 96 2.17 -19.91 13.41
C ALA B 96 2.17 -18.78 14.39
N THR B 97 2.78 -18.99 15.56
CA THR B 97 3.01 -17.87 16.47
C THR B 97 4.35 -18.11 17.19
N ALA B 98 4.81 -17.12 17.94
CA ALA B 98 6.09 -17.24 18.63
C ALA B 98 5.95 -17.70 20.11
N ILE B 99 7.08 -18.02 20.72
CA ILE B 99 7.21 -18.40 22.11
C ILE B 99 7.83 -17.23 22.90
N PRO B 100 7.13 -16.74 23.91
CA PRO B 100 7.58 -15.58 24.67
C PRO B 100 8.91 -15.87 25.34
N PRO B 101 9.88 -14.93 25.28
CA PRO B 101 11.18 -15.14 25.93
C PRO B 101 11.07 -15.53 27.40
N GLY B 102 12.10 -16.21 27.91
CA GLY B 102 12.12 -16.63 29.30
C GLY B 102 11.06 -17.59 29.84
N THR B 103 10.13 -18.09 29.03
CA THR B 103 9.14 -18.98 29.61
C THR B 103 9.53 -20.44 29.93
N VAL B 104 8.69 -21.08 30.73
CA VAL B 104 8.93 -22.43 31.19
C VAL B 104 7.68 -23.30 31.04
N GLY B 105 7.85 -24.57 30.74
CA GLY B 105 6.74 -25.51 30.81
C GLY B 105 5.59 -25.14 29.91
N ARG B 106 4.38 -25.59 30.25
CA ARG B 106 3.16 -25.26 29.48
C ARG B 106 3.03 -23.75 29.02
N ASN B 107 3.61 -22.80 29.77
CA ASN B 107 3.57 -21.38 29.40
C ASN B 107 4.07 -21.05 27.96
N ALA B 108 5.17 -21.68 27.59
CA ALA B 108 5.82 -21.35 26.35
C ALA B 108 4.83 -21.47 25.21
N GLU B 109 3.79 -22.24 25.45
CA GLU B 109 2.85 -22.58 24.41
C GLU B 109 1.66 -21.62 24.49
N ALA B 110 1.80 -20.55 25.28
CA ALA B 110 0.70 -19.64 25.58
C ALA B 110 0.04 -19.13 24.31
N CYS B 111 0.84 -18.44 23.49
CA CYS B 111 0.41 -17.92 22.23
C CYS B 111 -0.35 -18.91 21.36
N GLY B 112 0.08 -20.17 21.33
CA GLY B 112 -0.68 -21.19 20.59
C GLY B 112 -2.13 -21.27 21.09
N HIS B 113 -2.33 -21.26 22.41
CA HIS B 113 -3.66 -21.29 22.97
C HIS B 113 -4.47 -20.04 22.51
N VAL B 114 -3.92 -18.83 22.72
CA VAL B 114 -4.54 -17.58 22.21
C VAL B 114 -4.94 -17.70 20.71
N VAL B 115 -3.98 -18.08 19.88
CA VAL B 115 -4.26 -18.28 18.46
C VAL B 115 -5.46 -19.23 18.22
N ALA B 116 -5.41 -20.42 18.81
CA ALA B 116 -6.46 -21.43 18.62
C ALA B 116 -7.81 -20.95 19.23
N GLY B 117 -7.71 -20.31 20.39
CA GLY B 117 -8.77 -19.53 20.98
C GLY B 117 -9.42 -18.61 19.97
N ALA B 118 -8.61 -17.82 19.25
CA ALA B 118 -9.16 -16.84 18.30
C ALA B 118 -9.77 -17.50 17.09
N GLY B 119 -9.66 -18.82 17.03
CA GLY B 119 -10.29 -19.57 15.96
C GLY B 119 -9.28 -19.98 14.93
N LEU B 120 -8.01 -19.79 15.28
CA LEU B 120 -6.90 -20.14 14.42
C LEU B 120 -6.21 -21.42 14.86
N GLU B 121 -6.28 -22.41 14.00
CA GLU B 121 -5.58 -23.66 14.17
C GLU B 121 -4.04 -23.40 14.18
N LEU B 122 -3.35 -23.75 15.28
CA LEU B 122 -1.89 -23.52 15.46
C LEU B 122 -1.01 -24.35 14.55
N VAL B 123 -0.34 -23.68 13.62
CA VAL B 123 0.58 -24.30 12.65
C VAL B 123 1.86 -24.84 13.30
N THR B 124 2.46 -24.06 14.21
CA THR B 124 3.75 -24.40 14.82
C THR B 124 4.16 -23.28 15.74
N LEU B 125 5.15 -23.51 16.57
CA LEU B 125 5.60 -22.48 17.49
C LEU B 125 7.03 -22.22 17.17
N VAL B 126 7.45 -20.96 17.27
CA VAL B 126 8.82 -20.60 16.83
C VAL B 126 9.48 -19.68 17.87
N ASP B 127 10.77 -19.84 18.09
CA ASP B 127 11.46 -18.91 18.96
C ASP B 127 11.45 -17.54 18.29
N GLU B 128 11.36 -16.50 19.09
CA GLU B 128 11.36 -15.16 18.52
C GLU B 128 12.68 -14.80 17.83
N PRO B 129 13.83 -15.12 18.48
CA PRO B 129 15.08 -14.76 17.83
C PRO B 129 15.21 -15.45 16.51
N VAL B 130 14.64 -16.65 16.41
CA VAL B 130 14.69 -17.44 15.20
C VAL B 130 13.92 -16.73 14.06
N ALA B 131 12.81 -16.08 14.42
CA ALA B 131 11.91 -15.53 13.42
C ALA B 131 12.51 -14.23 12.91
N ALA B 132 12.97 -13.40 13.83
CA ALA B 132 13.67 -12.20 13.44
C ALA B 132 14.77 -12.59 12.46
N ALA B 133 15.59 -13.56 12.85
CA ALA B 133 16.78 -13.80 12.06
C ALA B 133 16.36 -14.30 10.67
N ARG B 134 15.27 -15.08 10.64
CA ARG B 134 14.78 -15.69 9.41
C ARG B 134 14.35 -14.56 8.49
N ALA B 135 13.58 -13.61 9.02
CA ALA B 135 13.14 -12.47 8.25
C ALA B 135 14.32 -11.70 7.70
N LEU B 136 15.36 -11.44 8.50
CA LEU B 136 16.47 -10.67 7.97
C LEU B 136 17.18 -11.48 6.93
N GLY B 137 17.08 -12.79 7.03
CA GLY B 137 17.76 -13.66 6.08
C GLY B 137 19.25 -13.38 6.05
N ILE B 138 19.89 -13.13 7.18
CA ILE B 138 21.35 -13.03 7.23
C ILE B 138 22.03 -14.37 7.58
N ASN B 139 23.30 -14.54 7.22
CA ASN B 139 24.03 -15.74 7.65
C ASN B 139 25.00 -15.43 8.76
N ASP B 140 25.33 -14.16 8.88
CA ASP B 140 26.16 -13.70 9.95
C ASP B 140 25.69 -12.34 10.42
N GLY B 141 25.56 -12.18 11.72
CA GLY B 141 25.43 -10.86 12.28
C GLY B 141 24.83 -10.97 13.65
N ILE B 142 24.65 -9.84 14.28
CA ILE B 142 24.00 -9.82 15.56
C ILE B 142 22.66 -9.15 15.37
N VAL B 143 21.63 -9.72 15.97
CA VAL B 143 20.30 -9.17 15.84
C VAL B 143 19.83 -8.70 17.19
N VAL B 144 19.55 -7.41 17.30
CA VAL B 144 19.12 -6.78 18.52
C VAL B 144 17.68 -6.38 18.29
N ASP B 145 16.76 -7.09 18.93
CA ASP B 145 15.34 -6.86 18.75
C ASP B 145 14.75 -6.00 19.89
N ILE B 146 14.87 -4.69 19.79
CA ILE B 146 14.50 -3.81 20.89
C ILE B 146 13.02 -3.54 20.87
N GLY B 147 12.26 -4.18 21.75
CA GLY B 147 10.81 -4.03 21.71
C GLY B 147 10.35 -3.06 22.80
N GLY B 148 9.09 -3.19 23.21
CA GLY B 148 8.59 -2.33 24.26
C GLY B 148 9.12 -2.71 25.62
N GLY B 149 8.82 -3.94 26.03
CA GLY B 149 9.12 -4.42 27.36
C GLY B 149 10.47 -5.10 27.50
N THR B 150 11.05 -5.58 26.39
CA THR B 150 12.25 -6.42 26.44
C THR B 150 13.05 -6.30 25.18
N THR B 151 14.36 -6.52 25.27
CA THR B 151 15.08 -6.66 24.04
C THR B 151 15.90 -7.95 23.98
N GLY B 152 15.76 -8.69 22.87
CA GLY B 152 16.46 -9.95 22.65
C GLY B 152 17.67 -9.68 21.77
N ILE B 153 18.78 -10.35 22.03
CA ILE B 153 19.94 -10.27 21.17
C ILE B 153 20.27 -11.68 20.72
N ALA B 154 20.44 -11.87 19.42
CA ALA B 154 20.72 -13.17 18.85
C ALA B 154 21.95 -13.09 17.94
N VAL B 155 22.87 -14.03 18.13
CA VAL B 155 24.13 -14.09 17.40
C VAL B 155 24.05 -15.13 16.30
N ILE B 156 24.25 -14.71 15.06
CA ILE B 156 24.11 -15.65 13.95
C ILE B 156 25.46 -15.81 13.32
N GLU B 157 25.93 -17.04 13.20
CA GLU B 157 27.21 -17.33 12.57
C GLU B 157 27.06 -18.53 11.63
N LYS B 158 27.71 -18.40 10.48
CA LYS B 158 27.67 -19.39 9.42
C LYS B 158 26.29 -19.93 9.27
N GLY B 159 25.30 -19.04 9.23
CA GLY B 159 23.94 -19.44 8.96
C GLY B 159 23.19 -20.21 10.04
N LYS B 160 23.85 -20.57 11.15
CA LYS B 160 23.17 -21.16 12.30
C LYS B 160 23.14 -20.11 13.46
N ILE B 161 22.23 -20.26 14.43
CA ILE B 161 22.31 -19.43 15.69
C ILE B 161 23.30 -19.96 16.76
N THR B 162 24.16 -19.11 17.28
CA THR B 162 25.08 -19.49 18.36
C THR B 162 24.48 -19.26 19.76
N ALA B 163 23.87 -18.09 19.95
CA ALA B 163 23.45 -17.68 21.28
C ALA B 163 22.35 -16.65 21.21
N THR B 164 21.55 -16.62 22.27
CA THR B 164 20.48 -15.65 22.36
C THR B 164 20.47 -15.04 23.75
N PHE B 165 20.15 -13.75 23.84
CA PHE B 165 20.14 -13.02 25.09
C PHE B 165 18.83 -12.28 25.30
N ASP B 166 18.27 -12.37 26.50
CA ASP B 166 17.20 -11.50 26.93
C ASP B 166 17.71 -10.38 27.79
N GLU B 167 17.19 -9.19 27.55
CA GLU B 167 17.55 -7.98 28.31
C GLU B 167 16.34 -7.31 28.91
N PRO B 168 16.55 -6.67 30.05
CA PRO B 168 15.37 -6.26 30.82
C PRO B 168 14.60 -5.10 30.13
N THR B 169 15.33 -4.26 29.40
CA THR B 169 14.88 -2.96 28.97
C THR B 169 14.16 -2.97 27.63
N GLY B 170 13.92 -1.78 27.07
CA GLY B 170 13.06 -1.64 25.91
C GLY B 170 12.37 -0.30 25.73
N GLY B 171 11.50 -0.23 24.73
CA GLY B 171 10.88 1.01 24.30
C GLY B 171 10.16 1.81 25.37
N THR B 172 9.56 1.13 26.34
CA THR B 172 8.90 1.89 27.41
C THR B 172 9.89 2.72 28.27
N HIS B 173 11.12 2.23 28.40
CA HIS B 173 12.16 3.01 29.03
C HIS B 173 12.34 4.38 28.38
N LEU B 174 12.06 4.49 27.09
CA LEU B 174 12.24 5.79 26.41
C LEU B 174 11.04 6.71 26.69
N SER B 175 9.86 6.13 26.65
CA SER B 175 8.69 6.88 26.99
C SER B 175 8.81 7.43 28.42
N LEU B 176 9.19 6.58 29.38
CA LEU B 176 9.34 6.99 30.80
C LEU B 176 10.28 8.17 30.94
N VAL B 177 11.47 8.13 30.35
CA VAL B 177 12.35 9.30 30.43
C VAL B 177 11.72 10.58 29.80
N LEU B 178 10.97 10.43 28.70
CA LEU B 178 10.19 11.52 28.09
C LEU B 178 9.13 12.01 29.04
N ALA B 179 8.25 11.10 29.48
CA ALA B 179 7.19 11.43 30.44
C ALA B 179 7.73 12.14 31.67
N GLY B 180 9.00 11.88 31.98
CA GLY B 180 9.68 12.56 33.06
C GLY B 180 9.95 13.99 32.66
N SER B 181 10.98 14.16 31.82
CA SER B 181 11.36 15.46 31.26
C SER B 181 10.20 16.43 30.94
N TYR B 182 9.03 15.89 30.57
CA TYR B 182 7.91 16.74 30.16
C TYR B 182 6.83 16.91 31.21
N LYS B 183 6.95 16.23 32.33
CA LYS B 183 5.87 16.19 33.31
C LYS B 183 4.53 15.66 32.71
N ILE B 184 4.58 15.11 31.49
CA ILE B 184 3.46 14.43 30.86
C ILE B 184 3.21 13.06 31.52
N PRO B 185 1.95 12.55 31.55
CA PRO B 185 1.71 11.15 31.93
C PRO B 185 2.30 10.16 30.91
N PHE B 186 2.25 8.88 31.23
CA PHE B 186 2.87 7.88 30.37
C PHE B 186 2.19 7.77 28.99
N GLU B 187 0.93 7.36 28.96
CA GLU B 187 0.22 7.21 27.69
C GLU B 187 0.48 8.45 26.80
N GLU B 188 0.61 9.61 27.44
CA GLU B 188 0.83 10.86 26.72
C GLU B 188 2.18 10.77 26.03
N ALA B 189 3.22 10.55 26.82
CA ALA B 189 4.58 10.44 26.29
C ALA B 189 4.65 9.39 25.18
N GLU B 190 3.88 8.31 25.34
CA GLU B 190 3.81 7.25 24.34
C GLU B 190 3.35 7.73 22.97
N THR B 191 2.35 8.60 22.94
CA THR B 191 1.82 9.13 21.67
C THR B 191 2.76 10.16 20.99
N ILE B 192 3.33 11.01 21.83
CA ILE B 192 4.33 11.96 21.40
C ILE B 192 5.52 11.22 20.80
N LYS B 193 5.87 10.06 21.37
CA LYS B 193 7.04 9.31 20.89
C LYS B 193 6.74 8.76 19.53
N LYS B 194 5.53 8.21 19.38
CA LYS B 194 5.16 7.56 18.15
C LYS B 194 4.89 8.55 16.99
N ASP B 195 5.03 9.85 17.27
CA ASP B 195 4.69 10.93 16.34
C ASP B 195 5.94 11.41 15.60
N PHE B 196 6.04 11.12 14.30
CA PHE B 196 7.32 11.27 13.62
C PHE B 196 7.68 12.73 13.59
N SER B 197 6.64 13.57 13.58
CA SER B 197 6.79 15.02 13.54
C SER B 197 7.58 15.43 14.79
N ARG B 198 7.33 14.74 15.91
CA ARG B 198 7.97 15.09 17.17
C ARG B 198 9.40 14.56 17.37
N HIS B 199 9.85 13.61 16.54
CA HIS B 199 11.12 12.92 16.80
C HIS B 199 12.30 13.87 16.94
N ARG B 200 12.52 14.78 16.00
CA ARG B 200 13.75 15.57 16.08
C ARG B 200 13.80 16.36 17.39
N GLU B 201 12.63 16.83 17.84
CA GLU B 201 12.52 17.63 19.04
C GLU B 201 12.91 16.77 20.22
N ILE B 202 12.14 15.71 20.38
CA ILE B 202 12.17 14.72 21.42
C ILE B 202 13.48 13.92 21.54
N MSE B 203 14.18 13.77 20.42
CA MSE B 203 15.40 12.98 20.37
C MSE B 203 16.29 13.25 21.59
O MSE B 203 16.70 12.33 22.31
CB MSE B 203 16.18 13.31 19.11
CG MSE B 203 17.58 12.66 19.06
SE MSE B 203 17.62 10.69 19.41
CE MSE B 203 17.15 10.00 17.64
N ARG B 204 16.55 14.53 21.80
CA ARG B 204 17.67 14.91 22.62
C ARG B 204 17.42 14.59 24.09
N VAL B 205 16.14 14.63 24.50
CA VAL B 205 15.67 14.17 25.80
C VAL B 205 15.96 12.68 25.94
N VAL B 206 15.69 11.93 24.89
CA VAL B 206 15.49 10.50 24.98
C VAL B 206 16.76 9.73 24.67
N ARG B 207 17.71 10.45 24.08
CA ARG B 207 19.00 9.91 23.71
C ARG B 207 19.62 9.06 24.83
N PRO B 208 19.71 9.61 26.07
CA PRO B 208 20.28 8.85 27.20
C PRO B 208 19.85 7.40 27.30
N VAL B 209 18.56 7.12 27.17
CA VAL B 209 18.08 5.75 27.27
C VAL B 209 18.72 4.87 26.19
N ILE B 210 18.79 5.37 24.96
CA ILE B 210 19.49 4.71 23.86
C ILE B 210 20.92 4.41 24.28
N GLU B 211 21.54 5.36 24.98
CA GLU B 211 22.96 5.22 25.34
C GLU B 211 23.19 4.06 26.26
N LYS B 212 22.42 4.02 27.34
CA LYS B 212 22.31 2.83 28.16
C LYS B 212 22.24 1.60 27.23
N MSE B 213 21.19 1.53 26.43
CA MSE B 213 20.92 0.42 25.54
C MSE B 213 22.10 -0.06 24.71
O MSE B 213 22.37 -1.26 24.66
CB MSE B 213 19.77 0.78 24.63
CG MSE B 213 18.47 0.87 25.36
SE MSE B 213 17.08 1.25 24.07
CE MSE B 213 15.53 0.61 25.05
N ALA B 214 22.81 0.84 24.06
CA ALA B 214 23.92 0.43 23.22
C ALA B 214 25.05 -0.23 24.01
N LEU B 215 25.20 0.12 25.28
CA LEU B 215 26.28 -0.45 26.07
C LEU B 215 25.92 -1.85 26.44
N ILE B 216 24.71 -2.02 26.97
CA ILE B 216 24.22 -3.36 27.20
C ILE B 216 24.64 -4.22 26.01
N VAL B 217 24.36 -3.73 24.80
CA VAL B 217 24.67 -4.42 23.56
C VAL B 217 26.17 -4.53 23.36
N LYS B 218 26.91 -3.46 23.59
CA LYS B 218 28.36 -3.52 23.45
C LYS B 218 29.04 -4.58 24.35
N GLU B 219 28.54 -4.77 25.59
CA GLU B 219 28.97 -5.91 26.41
C GLU B 219 28.97 -7.17 25.58
N VAL B 220 27.75 -7.54 25.21
CA VAL B 220 27.46 -8.82 24.59
C VAL B 220 28.29 -9.07 23.33
N ILE B 221 28.34 -8.09 22.43
CA ILE B 221 29.14 -8.20 21.21
C ILE B 221 30.58 -8.63 21.43
N LYS B 222 31.17 -8.20 22.56
CA LYS B 222 32.58 -8.48 22.90
C LYS B 222 32.89 -9.97 22.86
N ASN B 223 31.97 -10.79 23.35
CA ASN B 223 32.16 -12.23 23.38
C ASN B 223 32.08 -12.90 22.00
N TYR B 224 32.00 -12.12 20.93
CA TYR B 224 31.86 -12.72 19.61
C TYR B 224 32.71 -11.99 18.61
N ASP B 225 32.96 -12.67 17.49
CA ASP B 225 33.74 -12.14 16.39
C ASP B 225 33.44 -10.65 16.10
N GLN B 226 34.46 -9.81 16.15
CA GLN B 226 34.33 -8.36 15.92
C GLN B 226 33.77 -7.95 14.57
N THR B 227 33.91 -8.81 13.57
CA THR B 227 33.48 -8.44 12.23
C THR B 227 31.95 -8.48 12.06
N LEU B 228 31.27 -9.35 12.80
CA LEU B 228 29.81 -9.51 12.69
C LEU B 228 29.09 -8.18 12.67
N PRO B 229 28.30 -7.91 11.62
CA PRO B 229 27.54 -6.67 11.59
C PRO B 229 26.39 -6.73 12.57
N VAL B 230 26.11 -5.63 13.26
CA VAL B 230 24.93 -5.53 14.11
C VAL B 230 23.73 -4.97 13.34
N TYR B 231 22.60 -5.66 13.45
CA TYR B 231 21.31 -5.21 12.92
C TYR B 231 20.41 -4.95 14.08
N VAL B 232 19.67 -3.85 14.03
CA VAL B 232 18.74 -3.56 15.12
C VAL B 232 17.34 -3.48 14.54
N VAL B 233 16.44 -4.31 15.08
CA VAL B 233 15.03 -4.31 14.66
C VAL B 233 14.11 -4.06 15.85
N GLY B 234 12.80 -4.22 15.66
CA GLY B 234 11.80 -3.90 16.69
C GLY B 234 11.28 -2.46 16.66
N GLY B 235 10.11 -2.22 17.23
CA GLY B 235 9.49 -0.88 17.16
C GLY B 235 10.33 0.28 17.71
N THR B 236 11.12 0.02 18.71
CA THR B 236 11.88 1.11 19.27
C THR B 236 12.75 1.77 18.22
N ALA B 237 13.20 1.05 17.20
CA ALA B 237 14.15 1.70 16.30
C ALA B 237 13.49 2.50 15.18
N TYR B 238 12.16 2.58 15.21
CA TYR B 238 11.39 3.52 14.41
C TYR B 238 11.74 4.96 14.65
N LEU B 239 12.42 5.24 15.76
CA LEU B 239 12.72 6.59 16.12
C LEU B 239 13.69 7.18 15.13
N THR B 240 13.28 8.23 14.43
CA THR B 240 14.13 8.83 13.42
C THR B 240 15.48 9.17 14.02
N GLY B 241 16.53 8.57 13.51
CA GLY B 241 17.85 8.87 14.01
C GLY B 241 18.43 7.79 14.90
N PHE B 242 17.62 6.81 15.30
CA PHE B 242 18.10 5.69 16.11
C PHE B 242 19.39 5.12 15.52
N SER B 243 19.41 4.93 14.21
CA SER B 243 20.51 4.24 13.57
C SER B 243 21.84 4.97 13.68
N GLU B 244 21.80 6.28 13.43
CA GLU B 244 22.97 7.14 13.62
C GLU B 244 23.38 7.23 15.11
N GLU B 245 22.40 7.40 16.00
CA GLU B 245 22.68 7.54 17.44
C GLU B 245 23.31 6.28 18.02
N PHE B 246 22.61 5.16 17.88
CA PHE B 246 23.11 3.89 18.33
C PHE B 246 24.47 3.61 17.75
N SER B 247 24.63 3.78 16.43
CA SER B 247 25.90 3.44 15.80
C SER B 247 27.07 4.15 16.53
N ARG B 248 26.92 5.45 16.81
CA ARG B 248 27.98 6.24 17.45
C ARG B 248 28.29 5.81 18.90
N PHE B 249 27.27 5.56 19.71
CA PHE B 249 27.49 4.98 21.03
C PHE B 249 28.15 3.62 20.92
N LEU B 250 27.53 2.74 20.14
CA LEU B 250 28.06 1.41 19.95
C LEU B 250 29.52 1.42 19.51
N GLY B 251 29.88 2.26 18.55
CA GLY B 251 31.26 2.24 18.08
C GLY B 251 31.47 1.66 16.69
N LYS B 252 30.52 0.84 16.22
CA LYS B 252 30.48 0.45 14.80
C LYS B 252 29.13 0.85 14.18
N GLU B 253 28.99 0.66 12.88
CA GLU B 253 27.76 1.03 12.19
C GLU B 253 26.70 -0.08 12.28
N VAL B 254 25.55 0.29 12.84
CA VAL B 254 24.38 -0.57 13.01
C VAL B 254 23.48 -0.50 11.76
N GLN B 255 22.71 -1.54 11.43
CA GLN B 255 21.67 -1.37 10.41
C GLN B 255 20.25 -1.60 10.89
N VAL B 256 19.37 -0.65 10.59
CA VAL B 256 17.97 -0.72 10.96
C VAL B 256 17.18 -0.85 9.66
N PRO B 257 16.25 -1.80 9.57
CA PRO B 257 15.45 -1.84 8.35
C PRO B 257 14.30 -0.82 8.33
N ILE B 258 13.53 -0.76 7.23
CA ILE B 258 12.59 0.34 7.03
C ILE B 258 11.48 0.29 8.09
N HIS B 259 10.78 -0.80 8.25
CA HIS B 259 9.73 -0.67 9.28
C HIS B 259 10.05 -1.67 10.38
N PRO B 260 11.00 -1.32 11.25
CA PRO B 260 11.68 -2.34 12.05
C PRO B 260 10.74 -3.13 12.98
N LEU B 261 9.70 -2.52 13.52
CA LEU B 261 8.69 -3.24 14.26
C LEU B 261 8.17 -4.52 13.58
N LEU B 262 8.14 -4.52 12.26
CA LEU B 262 7.52 -5.58 11.50
C LEU B 262 8.46 -6.69 11.16
N VAL B 263 9.73 -6.55 11.52
CA VAL B 263 10.67 -7.57 11.15
C VAL B 263 10.29 -8.89 11.80
N THR B 264 10.04 -8.87 13.10
CA THR B 264 9.82 -10.13 13.75
C THR B 264 8.47 -10.73 13.37
N PRO B 265 7.39 -9.90 13.32
CA PRO B 265 6.11 -10.49 12.90
C PRO B 265 6.19 -11.07 11.50
N LEU B 266 6.94 -10.45 10.60
CA LEU B 266 7.02 -11.02 9.28
C LEU B 266 7.79 -12.33 9.34
N GLY B 267 8.80 -12.39 10.19
CA GLY B 267 9.55 -13.63 10.41
C GLY B 267 8.68 -14.80 10.83
N ILE B 268 7.85 -14.57 11.86
CA ILE B 268 6.87 -15.56 12.31
C ILE B 268 5.99 -16.07 11.15
N ALA B 269 5.38 -15.17 10.39
CA ALA B 269 4.49 -15.65 9.34
C ALA B 269 5.29 -16.49 8.38
N LEU B 270 6.61 -16.32 8.34
CA LEU B 270 7.37 -17.22 7.50
C LEU B 270 7.09 -18.66 7.88
N PHE B 271 6.73 -18.91 9.13
CA PHE B 271 6.52 -20.29 9.58
C PHE B 271 5.10 -20.88 9.41
N GLY B 272 4.12 -20.06 9.04
CA GLY B 272 2.72 -20.48 9.02
C GLY B 272 2.29 -21.41 7.89
PG ATP C . -8.63 9.64 -19.16
O1G ATP C . -7.77 9.19 -17.99
O2G ATP C . -10.11 9.52 -18.91
O3G ATP C . -8.27 8.97 -20.48
PB ATP C . -7.91 12.10 -18.04
O1B ATP C . -7.89 13.56 -18.30
O2B ATP C . -6.64 11.51 -17.49
O3B ATP C . -8.43 11.24 -19.29
PA ATP C . -9.25 11.05 -15.63
O1A ATP C . -7.90 10.74 -15.06
O2A ATP C . -10.19 9.89 -15.94
O3A ATP C . -9.14 11.86 -17.03
O5' ATP C . -9.98 12.15 -14.72
C5' ATP C . -9.45 13.44 -14.44
C4' ATP C . -10.61 14.16 -13.76
O4' ATP C . -10.97 13.41 -12.58
C3' ATP C . -10.21 15.52 -13.28
O3' ATP C . -11.21 16.50 -13.61
C2' ATP C . -10.19 15.43 -11.78
O2' ATP C . -10.61 16.64 -11.17
C1' ATP C . -11.15 14.29 -11.47
N9 ATP C . -10.79 13.83 -10.09
C8 ATP C . -9.63 13.28 -9.65
N7 ATP C . -9.62 13.08 -8.31
C5 ATP C . -10.80 13.53 -7.82
C6 ATP C . -11.47 13.62 -6.50
N6 ATP C . -10.87 13.18 -5.37
N1 ATP C . -12.72 14.15 -6.45
C2 ATP C . -13.36 14.61 -7.54
N3 ATP C . -12.82 14.55 -8.78
C4 ATP C . -11.56 14.04 -8.99
PG ATP D . 8.58 -8.02 19.89
O1G ATP D . 8.28 -9.46 20.36
O2G ATP D . 10.02 -7.56 20.02
O3G ATP D . 7.98 -7.80 18.52
PB ATP D . 6.70 -5.87 20.91
O1B ATP D . 6.20 -5.56 22.27
O2B ATP D . 5.69 -6.21 19.81
O3B ATP D . 7.82 -7.07 21.01
PA ATP D . 7.58 -3.71 19.29
O1A ATP D . 6.23 -3.84 18.65
O2A ATP D . 8.77 -4.07 18.43
O3A ATP D . 7.64 -4.59 20.66
O5' ATP D . 7.88 -2.26 19.84
C5' ATP D . 6.87 -1.38 20.28
C4' ATP D . 7.73 -0.24 20.81
O4' ATP D . 8.23 0.57 19.73
C3' ATP D . 7.02 0.67 21.80
O3' ATP D . 8.04 1.13 22.71
C2' ATP D . 6.60 1.80 20.89
O2' ATP D . 6.42 3.03 21.60
C1' ATP D . 7.80 1.90 19.98
N9 ATP D . 7.34 2.58 18.77
C8 ATP D . 6.29 2.27 17.99
N7 ATP D . 6.17 3.16 16.97
C5 ATP D . 7.15 4.04 17.14
C6 ATP D . 7.60 5.24 16.47
N6 ATP D . 6.94 5.62 15.36
N1 ATP D . 8.69 5.83 16.99
N3 ATP D . 9.00 4.43 18.69
C4 ATP D . 7.93 3.68 18.32
#